data_2AZO
#
_entry.id   2AZO
#
_cell.length_a   39.860
_cell.length_b   111.570
_cell.length_c   54.930
_cell.angle_alpha   90.00
_cell.angle_beta   96.53
_cell.angle_gamma   90.00
#
_symmetry.space_group_name_H-M   'P 1 21 1'
#
loop_
_entity.id
_entity.type
_entity.pdbx_description
1 polymer MUTH
2 water water
#
_entity_poly.entity_id   1
_entity_poly.type   'polypeptide(L)'
_entity_poly.pdbx_seq_one_letter_code
;GSHMSQPRPLLSPPETEEQLLAQAQQLSGYTLGELAALVGLVTPENLKRDKGWIGVLLEIWLGASAGSKPEQDFAALGVE
LKTIPVDSLGRPLETTFVCVAPLTGNSGVTWETSHVRHKLKRVLWIPVEGERSIPLAQRRVGSPLLWSPNEEEDRQLRED
WEELMDMIVLGQVERITARHGEYLQIRPKAANAKALTEAIGARGERILTLPRGFYLKKNFTSALLARHFLIQ
;
_entity_poly.pdbx_strand_id   A,B
#
# COMPACT_ATOMS: atom_id res chain seq x y z
N GLN A 6 -16.74 -14.32 9.70
CA GLN A 6 -15.78 -14.64 10.80
C GLN A 6 -15.12 -16.01 10.58
N PRO A 7 -13.88 -16.02 10.06
CA PRO A 7 -13.08 -17.21 9.76
C PRO A 7 -13.07 -18.38 10.75
N ARG A 8 -12.75 -19.54 10.20
CA ARG A 8 -12.64 -20.79 10.94
C ARG A 8 -11.66 -21.63 10.12
N PRO A 9 -10.76 -22.37 10.77
CA PRO A 9 -9.80 -23.19 10.03
C PRO A 9 -10.49 -24.32 9.27
N LEU A 10 -9.88 -24.74 8.17
CA LEU A 10 -10.47 -25.80 7.36
C LEU A 10 -10.33 -27.13 8.08
N LEU A 11 -11.45 -27.82 8.28
CA LEU A 11 -11.44 -29.11 8.97
C LEU A 11 -10.65 -30.18 8.21
N SER A 12 -10.36 -29.91 6.94
CA SER A 12 -9.58 -30.83 6.09
C SER A 12 -8.94 -30.06 4.95
N PRO A 13 -7.83 -30.58 4.40
CA PRO A 13 -7.18 -29.87 3.30
C PRO A 13 -8.12 -29.56 2.14
N PRO A 14 -7.84 -28.48 1.40
CA PRO A 14 -8.71 -28.13 0.28
C PRO A 14 -8.66 -29.24 -0.77
N GLU A 15 -9.81 -29.55 -1.36
CA GLU A 15 -9.89 -30.60 -2.36
C GLU A 15 -9.71 -29.99 -3.73
N THR A 16 -9.77 -28.66 -3.81
CA THR A 16 -9.55 -27.93 -5.06
C THR A 16 -8.96 -26.57 -4.76
N GLU A 17 -8.34 -25.96 -5.79
CA GLU A 17 -7.71 -24.67 -5.61
C GLU A 17 -8.67 -23.50 -5.37
N GLU A 18 -9.93 -23.67 -5.75
CA GLU A 18 -10.93 -22.63 -5.54
C GLU A 18 -11.31 -22.65 -4.06
N GLN A 19 -11.30 -23.85 -3.48
CA GLN A 19 -11.62 -24.01 -2.06
C GLN A 19 -10.49 -23.43 -1.25
N LEU A 20 -9.26 -23.62 -1.73
CA LEU A 20 -8.07 -23.12 -1.05
C LEU A 20 -8.00 -21.60 -1.11
N LEU A 21 -8.39 -21.03 -2.25
CA LEU A 21 -8.35 -19.58 -2.39
C LEU A 21 -9.47 -18.92 -1.60
N ALA A 22 -10.65 -19.51 -1.60
CA ALA A 22 -11.80 -18.96 -0.88
C ALA A 22 -11.47 -18.81 0.62
N GLN A 23 -10.71 -19.78 1.14
CA GLN A 23 -10.30 -19.78 2.53
C GLN A 23 -9.21 -18.75 2.80
N ALA A 24 -8.20 -18.73 1.94
CA ALA A 24 -7.13 -17.77 2.08
C ALA A 24 -7.73 -16.37 2.15
N GLN A 25 -8.66 -16.08 1.25
CA GLN A 25 -9.33 -14.80 1.22
C GLN A 25 -10.08 -14.49 2.51
N GLN A 26 -10.43 -15.53 3.27
CA GLN A 26 -11.16 -15.37 4.53
C GLN A 26 -10.28 -14.74 5.60
N LEU A 27 -8.97 -14.88 5.45
CA LEU A 27 -8.01 -14.34 6.42
C LEU A 27 -7.53 -12.91 6.13
N SER A 28 -7.93 -12.35 4.99
CA SER A 28 -7.52 -10.99 4.63
C SER A 28 -8.02 -9.98 5.66
N GLY A 29 -7.13 -9.07 6.05
CA GLY A 29 -7.52 -8.04 7.00
C GLY A 29 -7.26 -8.41 8.44
N TYR A 30 -7.15 -9.70 8.73
CA TYR A 30 -6.90 -10.15 10.09
C TYR A 30 -5.42 -10.09 10.33
N THR A 31 -5.03 -9.91 11.59
CA THR A 31 -3.62 -9.85 11.94
C THR A 31 -3.15 -11.23 12.34
N LEU A 32 -1.84 -11.42 12.36
CA LEU A 32 -1.29 -12.71 12.77
C LEU A 32 -1.72 -13.01 14.19
N GLY A 33 -1.76 -11.98 15.03
CA GLY A 33 -2.18 -12.20 16.40
C GLY A 33 -3.64 -12.66 16.55
N GLU A 34 -4.52 -12.14 15.69
CA GLU A 34 -5.94 -12.51 15.73
C GLU A 34 -6.15 -13.92 15.23
N LEU A 35 -5.39 -14.28 14.20
CA LEU A 35 -5.50 -15.59 13.60
C LEU A 35 -4.93 -16.65 14.52
N ALA A 36 -3.96 -16.29 15.35
CA ALA A 36 -3.36 -17.24 16.28
C ALA A 36 -4.26 -17.42 17.50
N ALA A 37 -4.88 -16.33 17.92
CA ALA A 37 -5.79 -16.36 19.07
C ALA A 37 -7.00 -17.24 18.76
N LEU A 38 -7.44 -17.24 17.50
CA LEU A 38 -8.59 -18.06 17.11
C LEU A 38 -8.23 -19.54 17.10
N VAL A 39 -6.96 -19.86 17.16
CA VAL A 39 -6.57 -21.27 17.12
C VAL A 39 -5.84 -21.77 18.37
N GLY A 40 -5.78 -20.93 19.40
CA GLY A 40 -5.13 -21.32 20.64
C GLY A 40 -3.62 -21.21 20.60
N LEU A 41 -3.11 -20.40 19.67
CA LEU A 41 -1.68 -20.18 19.54
C LEU A 41 -1.31 -18.80 20.11
N VAL A 42 -0.06 -18.65 20.51
CA VAL A 42 0.39 -17.37 21.03
C VAL A 42 1.43 -16.91 20.02
N THR A 43 1.33 -15.65 19.62
CA THR A 43 2.26 -15.11 18.66
C THR A 43 3.54 -14.68 19.38
N PRO A 44 4.70 -15.13 18.91
CA PRO A 44 5.94 -14.70 19.58
C PRO A 44 6.06 -13.19 19.46
N GLU A 45 6.90 -12.59 20.29
CA GLU A 45 7.09 -11.14 20.23
C GLU A 45 8.12 -10.80 19.17
N ASN A 46 8.89 -11.81 18.77
CA ASN A 46 9.90 -11.67 17.72
C ASN A 46 9.89 -12.97 16.92
N LEU A 47 9.82 -12.87 15.60
CA LEU A 47 9.79 -14.06 14.75
C LEU A 47 11.11 -14.83 14.76
N LYS A 48 12.20 -14.11 15.04
CA LYS A 48 13.53 -14.71 15.08
C LYS A 48 13.65 -15.89 16.04
N ARG A 49 12.78 -15.96 17.03
CA ARG A 49 12.81 -17.06 17.99
C ARG A 49 12.10 -18.28 17.42
N ASP A 50 11.08 -18.04 16.60
CA ASP A 50 10.32 -19.12 15.97
C ASP A 50 10.23 -18.76 14.49
N LYS A 51 11.37 -18.86 13.83
CA LYS A 51 11.54 -18.52 12.43
C LYS A 51 10.47 -19.01 11.45
N GLY A 52 9.82 -20.13 11.73
CA GLY A 52 8.83 -20.61 10.79
C GLY A 52 7.39 -20.57 11.28
N TRP A 53 7.14 -19.69 12.23
CA TRP A 53 5.83 -19.57 12.85
C TRP A 53 4.64 -19.18 11.97
N ILE A 54 4.83 -18.26 11.04
CA ILE A 54 3.74 -17.82 10.18
C ILE A 54 3.31 -18.92 9.24
N GLY A 55 4.27 -19.75 8.84
CA GLY A 55 3.98 -20.85 7.93
C GLY A 55 3.10 -21.92 8.53
N VAL A 56 3.32 -22.23 9.81
CA VAL A 56 2.55 -23.25 10.51
C VAL A 56 1.11 -22.78 10.75
N LEU A 57 0.98 -21.50 11.08
CA LEU A 57 -0.30 -20.89 11.35
C LEU A 57 -1.19 -20.90 10.11
N LEU A 58 -0.62 -20.50 8.98
CA LEU A 58 -1.35 -20.48 7.71
C LEU A 58 -1.70 -21.89 7.30
N GLU A 59 -0.85 -22.84 7.63
CA GLU A 59 -1.10 -24.23 7.25
C GLU A 59 -2.23 -24.83 8.08
N ILE A 60 -2.34 -24.38 9.32
CA ILE A 60 -3.39 -24.84 10.22
C ILE A 60 -4.72 -24.34 9.66
N TRP A 61 -4.71 -23.09 9.18
CA TRP A 61 -5.90 -22.45 8.62
C TRP A 61 -6.22 -22.95 7.23
N LEU A 62 -5.19 -23.18 6.43
CA LEU A 62 -5.39 -23.67 5.08
C LEU A 62 -5.81 -25.12 5.08
N GLY A 63 -6.33 -25.55 6.21
CA GLY A 63 -6.79 -26.90 6.28
C GLY A 63 -5.83 -27.79 6.99
N ALA A 64 -6.38 -28.88 7.50
CA ALA A 64 -5.66 -29.88 8.24
C ALA A 64 -4.19 -29.55 8.51
N SER A 65 -3.85 -29.48 9.79
CA SER A 65 -2.47 -29.25 10.12
C SER A 65 -1.97 -30.53 9.47
N ALA A 66 -2.57 -31.64 9.93
CA ALA A 66 -2.32 -32.99 9.44
C ALA A 66 -1.20 -33.74 10.18
N GLY A 67 -0.87 -33.27 11.39
CA GLY A 67 0.18 -33.90 12.16
C GLY A 67 0.98 -34.99 11.45
N PHE A 74 -1.47 -29.23 -0.27
CA PHE A 74 -1.36 -28.35 -1.47
C PHE A 74 -0.45 -28.95 -2.53
N ALA A 75 0.24 -30.03 -2.18
CA ALA A 75 1.10 -30.70 -3.13
C ALA A 75 0.12 -31.45 -4.01
N ALA A 76 -1.01 -31.84 -3.40
CA ALA A 76 -2.06 -32.58 -4.08
C ALA A 76 -2.79 -31.71 -5.10
N LEU A 77 -3.12 -30.48 -4.69
CA LEU A 77 -3.81 -29.57 -5.59
C LEU A 77 -2.89 -29.06 -6.69
N GLY A 78 -1.58 -29.19 -6.47
CA GLY A 78 -0.60 -28.74 -7.44
C GLY A 78 -0.32 -27.25 -7.37
N VAL A 79 -0.56 -26.66 -6.21
CA VAL A 79 -0.32 -25.23 -6.04
C VAL A 79 0.65 -25.00 -4.89
N GLU A 80 1.71 -24.26 -5.19
CA GLU A 80 2.73 -23.94 -4.23
C GLU A 80 2.27 -22.73 -3.42
N LEU A 81 2.34 -22.84 -2.10
CA LEU A 81 1.96 -21.74 -1.23
C LEU A 81 3.19 -20.87 -0.94
N LYS A 82 3.06 -19.57 -1.18
CA LYS A 82 4.17 -18.64 -0.97
C LYS A 82 3.73 -17.35 -0.27
N THR A 83 4.21 -17.15 0.94
CA THR A 83 3.89 -15.95 1.68
C THR A 83 4.78 -14.86 1.09
N ILE A 84 4.30 -13.63 1.10
CA ILE A 84 5.09 -12.54 0.54
C ILE A 84 4.96 -11.30 1.39
N PRO A 85 6.07 -10.80 1.92
CA PRO A 85 6.04 -9.61 2.77
C PRO A 85 5.76 -8.35 1.96
N VAL A 86 4.80 -7.58 2.44
CA VAL A 86 4.40 -6.36 1.75
C VAL A 86 4.21 -5.21 2.71
N ASP A 87 4.07 -4.00 2.18
CA ASP A 87 3.87 -2.83 3.01
C ASP A 87 2.37 -2.61 3.21
N SER A 88 2.02 -1.61 4.01
CA SER A 88 0.61 -1.32 4.28
C SER A 88 -0.21 -1.03 3.02
N LEU A 89 0.44 -1.06 1.88
CA LEU A 89 -0.22 -0.82 0.60
C LEU A 89 -0.28 -2.09 -0.27
N GLY A 90 0.29 -3.18 0.22
CA GLY A 90 0.25 -4.43 -0.50
C GLY A 90 1.36 -4.64 -1.51
N ARG A 91 2.35 -3.75 -1.54
CA ARG A 91 3.45 -3.94 -2.48
C ARG A 91 4.64 -4.60 -1.80
N PRO A 92 5.27 -5.54 -2.50
CA PRO A 92 6.42 -6.29 -2.01
C PRO A 92 7.50 -5.42 -1.40
N LEU A 93 7.99 -5.85 -0.24
CA LEU A 93 9.02 -5.14 0.49
C LEU A 93 10.38 -5.56 -0.03
N GLU A 94 10.47 -6.80 -0.49
CA GLU A 94 11.75 -7.32 -0.95
C GLU A 94 11.71 -8.33 -2.07
N THR A 95 12.84 -9.00 -2.24
CA THR A 95 13.02 -10.03 -3.25
C THR A 95 12.38 -11.32 -2.73
N THR A 96 11.79 -12.12 -3.61
CA THR A 96 11.14 -13.37 -3.19
C THR A 96 12.00 -14.58 -3.49
N PHE A 97 12.20 -15.42 -2.49
CA PHE A 97 13.01 -16.63 -2.61
C PHE A 97 12.20 -17.79 -3.19
N VAL A 98 12.77 -18.44 -4.21
CA VAL A 98 12.09 -19.57 -4.83
C VAL A 98 12.67 -20.88 -4.25
N CYS A 99 13.93 -21.18 -4.54
CA CYS A 99 14.53 -22.38 -4.02
C CYS A 99 16.04 -22.24 -4.00
N VAL A 100 16.73 -23.22 -3.40
CA VAL A 100 18.18 -23.18 -3.31
C VAL A 100 18.79 -23.46 -4.68
N ALA A 101 19.89 -22.77 -4.97
CA ALA A 101 20.61 -22.98 -6.22
C ALA A 101 21.82 -23.83 -5.85
N PRO A 102 21.89 -25.06 -6.35
CA PRO A 102 23.01 -25.97 -6.07
C PRO A 102 24.12 -25.68 -7.06
N LEU A 103 25.35 -25.66 -6.59
CA LEU A 103 26.46 -25.36 -7.47
C LEU A 103 27.19 -26.58 -8.04
N THR A 104 26.87 -27.76 -7.52
CA THR A 104 27.48 -28.99 -8.00
C THR A 104 26.35 -30.01 -8.18
N GLY A 105 26.58 -30.99 -9.06
CA GLY A 105 25.58 -32.03 -9.27
C GLY A 105 24.24 -31.65 -9.89
N ASN A 106 24.24 -30.64 -10.75
CA ASN A 106 22.99 -30.22 -11.40
C ASN A 106 22.97 -30.50 -12.90
N SER A 107 23.92 -31.31 -13.37
CA SER A 107 23.97 -31.66 -14.78
C SER A 107 22.75 -32.47 -15.21
N GLY A 108 22.47 -32.48 -16.51
CA GLY A 108 21.32 -33.22 -17.00
C GLY A 108 19.99 -32.67 -16.52
N VAL A 109 20.04 -31.63 -15.70
CA VAL A 109 18.83 -31.01 -15.19
C VAL A 109 18.35 -30.02 -16.24
N THR A 110 17.04 -29.93 -16.44
CA THR A 110 16.49 -29.02 -17.44
C THR A 110 15.48 -28.07 -16.85
N TRP A 111 14.85 -27.26 -17.70
CA TRP A 111 13.84 -26.33 -17.24
C TRP A 111 12.62 -27.17 -16.88
N GLU A 112 12.32 -28.17 -17.69
CA GLU A 112 11.18 -29.07 -17.49
C GLU A 112 11.24 -29.78 -16.14
N THR A 113 12.40 -30.35 -15.83
CA THR A 113 12.60 -31.09 -14.59
C THR A 113 13.28 -30.27 -13.50
N SER A 114 13.13 -28.95 -13.57
CA SER A 114 13.71 -28.05 -12.58
C SER A 114 12.74 -27.77 -11.44
N HIS A 115 13.27 -27.50 -10.26
CA HIS A 115 12.45 -27.23 -9.08
C HIS A 115 11.87 -25.83 -9.12
N VAL A 116 12.55 -24.93 -9.81
CA VAL A 116 12.09 -23.55 -9.93
C VAL A 116 10.78 -23.55 -10.70
N ARG A 117 10.82 -24.12 -11.91
CA ARG A 117 9.63 -24.22 -12.76
C ARG A 117 8.53 -24.95 -12.04
N HIS A 118 8.88 -26.04 -11.38
CA HIS A 118 7.93 -26.82 -10.63
C HIS A 118 7.23 -25.91 -9.63
N LYS A 119 8.00 -25.47 -8.65
CA LYS A 119 7.49 -24.60 -7.61
C LYS A 119 6.77 -23.35 -8.14
N LEU A 120 7.11 -22.92 -9.36
CA LEU A 120 6.48 -21.72 -9.94
C LEU A 120 5.35 -21.96 -10.92
N LYS A 121 5.14 -23.21 -11.32
CA LYS A 121 4.09 -23.53 -12.27
C LYS A 121 2.71 -23.05 -11.83
N ARG A 122 2.43 -23.13 -10.53
CA ARG A 122 1.15 -22.65 -10.01
C ARG A 122 1.36 -22.24 -8.57
N VAL A 123 1.25 -20.94 -8.31
CA VAL A 123 1.47 -20.37 -6.99
C VAL A 123 0.31 -19.60 -6.33
N LEU A 124 0.16 -19.77 -5.02
CA LEU A 124 -0.84 -19.06 -4.24
C LEU A 124 -0.07 -18.04 -3.42
N TRP A 125 -0.07 -16.77 -3.86
CA TRP A 125 0.62 -15.72 -3.14
C TRP A 125 -0.24 -15.26 -1.99
N ILE A 126 0.35 -15.27 -0.80
CA ILE A 126 -0.35 -14.83 0.41
C ILE A 126 0.39 -13.65 1.01
N PRO A 127 -0.01 -12.42 0.60
CA PRO A 127 0.65 -11.22 1.14
C PRO A 127 0.50 -11.09 2.63
N VAL A 128 1.54 -10.59 3.28
CA VAL A 128 1.52 -10.38 4.72
C VAL A 128 2.41 -9.17 4.98
N GLU A 129 1.98 -8.29 5.86
CA GLU A 129 2.81 -7.12 6.17
C GLU A 129 4.07 -7.70 6.79
N GLY A 130 5.22 -7.44 6.16
CA GLY A 130 6.50 -7.95 6.65
C GLY A 130 7.45 -6.92 7.22
N GLU A 131 6.97 -5.70 7.38
CA GLU A 131 7.76 -4.61 7.91
C GLU A 131 8.23 -4.87 9.36
N ARG A 132 9.54 -5.06 9.51
CA ARG A 132 10.18 -5.35 10.80
C ARG A 132 9.64 -4.67 12.06
N SER A 133 9.69 -3.34 12.09
CA SER A 133 9.22 -2.57 13.22
C SER A 133 7.80 -2.87 13.69
N ILE A 134 6.97 -3.48 12.84
CA ILE A 134 5.60 -3.81 13.24
C ILE A 134 5.55 -5.05 14.11
N PRO A 135 5.05 -4.92 15.35
CA PRO A 135 5.01 -6.12 16.19
C PRO A 135 4.35 -7.24 15.39
N LEU A 136 4.98 -8.40 15.39
CA LEU A 136 4.49 -9.55 14.64
C LEU A 136 2.98 -9.78 14.74
N ALA A 137 2.43 -9.69 15.94
CA ALA A 137 1.00 -9.91 16.16
C ALA A 137 0.09 -8.89 15.50
N GLN A 138 0.62 -7.72 15.19
CA GLN A 138 -0.18 -6.69 14.58
C GLN A 138 -0.07 -6.62 13.04
N ARG A 139 0.63 -7.59 12.46
CA ARG A 139 0.79 -7.63 11.01
C ARG A 139 -0.42 -8.33 10.42
N ARG A 140 -0.99 -7.70 9.41
CA ARG A 140 -2.18 -8.21 8.77
C ARG A 140 -1.94 -8.96 7.49
N VAL A 141 -2.88 -9.84 7.17
CA VAL A 141 -2.85 -10.63 5.97
C VAL A 141 -3.51 -9.78 4.89
N GLY A 142 -2.93 -9.79 3.70
CA GLY A 142 -3.48 -9.01 2.60
C GLY A 142 -4.44 -9.85 1.78
N SER A 143 -4.44 -9.63 0.47
CA SER A 143 -5.32 -10.35 -0.45
C SER A 143 -4.58 -11.45 -1.22
N PRO A 144 -5.03 -12.70 -1.06
CA PRO A 144 -4.39 -13.83 -1.75
C PRO A 144 -4.59 -13.76 -3.26
N LEU A 145 -3.69 -14.41 -4.00
CA LEU A 145 -3.75 -14.41 -5.45
C LEU A 145 -3.17 -15.70 -6.03
N LEU A 146 -3.98 -16.47 -6.74
CA LEU A 146 -3.50 -17.71 -7.37
C LEU A 146 -2.85 -17.24 -8.67
N TRP A 147 -1.68 -17.76 -9.00
CA TRP A 147 -0.98 -17.29 -10.17
C TRP A 147 -0.14 -18.34 -10.88
N SER A 148 -0.09 -18.24 -12.21
CA SER A 148 0.68 -19.11 -13.06
C SER A 148 1.32 -18.21 -14.13
N PRO A 149 2.59 -18.45 -14.47
CA PRO A 149 3.17 -17.57 -15.50
C PRO A 149 2.51 -17.83 -16.85
N ASN A 150 2.25 -16.76 -17.61
CA ASN A 150 1.65 -16.95 -18.92
C ASN A 150 2.77 -17.47 -19.81
N GLU A 151 2.46 -17.75 -21.08
CA GLU A 151 3.47 -18.25 -22.01
C GLU A 151 4.63 -17.30 -22.28
N GLU A 152 4.41 -16.00 -22.11
CA GLU A 152 5.47 -15.03 -22.37
C GLU A 152 6.36 -14.85 -21.15
N GLU A 153 5.79 -15.06 -19.98
CA GLU A 153 6.50 -14.92 -18.72
C GLU A 153 7.31 -16.20 -18.52
N ASP A 154 6.69 -17.33 -18.88
CA ASP A 154 7.31 -18.63 -18.74
C ASP A 154 8.49 -18.84 -19.69
N ARG A 155 8.52 -18.10 -20.81
CA ARG A 155 9.62 -18.20 -21.75
C ARG A 155 10.79 -17.41 -21.20
N GLN A 156 10.47 -16.31 -20.53
CA GLN A 156 11.47 -15.42 -19.94
C GLN A 156 12.03 -16.03 -18.66
N LEU A 157 11.23 -16.84 -18.00
CA LEU A 157 11.66 -17.49 -16.77
C LEU A 157 12.64 -18.58 -17.21
N ARG A 158 12.31 -19.27 -18.29
CA ARG A 158 13.16 -20.33 -18.83
C ARG A 158 14.48 -19.74 -19.31
N GLU A 159 14.41 -18.58 -19.94
CA GLU A 159 15.59 -17.90 -20.45
C GLU A 159 16.52 -17.55 -19.30
N ASP A 160 15.94 -17.07 -18.21
CA ASP A 160 16.74 -16.69 -17.05
C ASP A 160 17.35 -17.91 -16.34
N TRP A 161 16.54 -18.96 -16.15
CA TRP A 161 16.97 -20.18 -15.47
C TRP A 161 18.08 -20.90 -16.23
N GLU A 162 17.96 -20.94 -17.55
CA GLU A 162 18.97 -21.58 -18.39
C GLU A 162 20.26 -20.78 -18.37
N GLU A 163 20.14 -19.46 -18.45
CA GLU A 163 21.31 -18.60 -18.43
C GLU A 163 22.09 -18.78 -17.13
N LEU A 164 21.42 -18.52 -16.01
CA LEU A 164 22.04 -18.65 -14.68
C LEU A 164 22.59 -20.04 -14.35
N MET A 165 21.91 -21.10 -14.80
CA MET A 165 22.41 -22.46 -14.56
C MET A 165 23.61 -22.70 -15.47
N ASP A 166 23.61 -22.05 -16.64
CA ASP A 166 24.70 -22.19 -17.59
C ASP A 166 25.94 -21.63 -16.92
N MET A 167 25.82 -20.43 -16.35
CA MET A 167 26.93 -19.78 -15.67
C MET A 167 27.43 -20.62 -14.50
N ILE A 168 26.49 -21.13 -13.71
CA ILE A 168 26.81 -21.96 -12.55
C ILE A 168 27.71 -23.14 -12.95
N VAL A 169 27.25 -23.93 -13.91
CA VAL A 169 27.97 -25.11 -14.38
C VAL A 169 29.24 -24.80 -15.18
N LEU A 170 29.23 -23.70 -15.93
CA LEU A 170 30.40 -23.31 -16.74
C LEU A 170 31.51 -22.75 -15.85
N GLY A 171 31.28 -22.77 -14.55
CA GLY A 171 32.24 -22.27 -13.60
C GLY A 171 32.28 -20.76 -13.42
N GLN A 172 31.19 -20.06 -13.71
CA GLN A 172 31.19 -18.61 -13.56
C GLN A 172 30.11 -18.08 -12.61
N VAL A 173 29.96 -18.76 -11.48
CA VAL A 173 28.98 -18.37 -10.47
C VAL A 173 29.27 -17.00 -9.83
N GLU A 174 30.55 -16.65 -9.73
CA GLU A 174 30.95 -15.37 -9.14
C GLU A 174 30.80 -14.24 -10.13
N ARG A 175 30.50 -14.59 -11.38
CA ARG A 175 30.34 -13.61 -12.43
C ARG A 175 28.90 -13.10 -12.43
N ILE A 176 28.05 -13.83 -11.70
CA ILE A 176 26.63 -13.52 -11.57
C ILE A 176 26.30 -12.30 -10.70
N THR A 177 25.43 -11.45 -11.23
CA THR A 177 24.96 -10.25 -10.55
C THR A 177 23.46 -10.15 -10.82
N ALA A 178 22.84 -9.06 -10.39
CA ALA A 178 21.40 -8.87 -10.61
C ALA A 178 21.10 -8.55 -12.07
N ARG A 179 22.15 -8.41 -12.87
CA ARG A 179 21.99 -8.09 -14.30
C ARG A 179 21.66 -9.30 -15.17
N HIS A 180 21.81 -10.49 -14.60
CA HIS A 180 21.52 -11.72 -15.33
C HIS A 180 20.13 -12.21 -14.95
N GLY A 181 19.23 -12.24 -15.92
CA GLY A 181 17.86 -12.67 -15.66
C GLY A 181 16.93 -11.47 -15.54
N GLU A 182 15.88 -11.44 -16.35
CA GLU A 182 14.91 -10.34 -16.33
C GLU A 182 13.93 -10.52 -15.18
N TYR A 183 13.51 -11.75 -14.93
CA TYR A 183 12.58 -12.06 -13.85
C TYR A 183 13.29 -12.76 -12.70
N LEU A 184 13.86 -13.93 -12.99
CA LEU A 184 14.60 -14.67 -11.97
C LEU A 184 15.96 -14.02 -11.68
N GLN A 185 16.50 -14.32 -10.51
CA GLN A 185 17.78 -13.79 -10.09
C GLN A 185 18.46 -14.77 -9.15
N ILE A 186 19.78 -14.78 -9.15
CA ILE A 186 20.50 -15.65 -8.24
C ILE A 186 21.23 -14.72 -7.27
N ARG A 187 20.98 -14.90 -5.98
CA ARG A 187 21.62 -14.07 -4.95
C ARG A 187 22.10 -14.96 -3.85
N PRO A 188 23.11 -14.53 -3.08
CA PRO A 188 23.58 -15.38 -2.00
C PRO A 188 22.42 -15.58 -1.01
N LYS A 189 22.36 -16.76 -0.38
CA LYS A 189 21.28 -17.05 0.56
C LYS A 189 21.53 -16.35 1.90
N ALA A 190 21.51 -15.01 1.86
CA ALA A 190 21.72 -14.18 3.04
C ALA A 190 21.73 -12.70 2.63
N LYS A 194 29.03 -16.53 6.49
CA LYS A 194 29.47 -17.57 7.48
C LYS A 194 29.67 -18.92 6.81
N ALA A 195 28.63 -19.39 6.13
CA ALA A 195 28.66 -20.66 5.43
C ALA A 195 29.30 -20.49 4.07
N LEU A 196 29.86 -21.60 3.56
CA LEU A 196 30.49 -21.63 2.26
C LEU A 196 30.10 -22.96 1.65
N THR A 197 29.79 -22.97 0.36
CA THR A 197 29.46 -24.20 -0.29
C THR A 197 30.46 -24.36 -1.42
N GLU A 198 30.72 -25.61 -1.78
CA GLU A 198 31.68 -25.95 -2.82
C GLU A 198 31.12 -25.73 -4.23
N ALA A 199 31.97 -25.24 -5.13
CA ALA A 199 31.55 -25.00 -6.50
C ALA A 199 32.72 -25.15 -7.47
N ILE A 200 32.47 -24.82 -8.74
CA ILE A 200 33.45 -24.92 -9.82
C ILE A 200 33.91 -23.55 -10.33
N GLY A 201 35.22 -23.40 -10.54
CA GLY A 201 35.77 -22.13 -10.99
C GLY A 201 35.97 -21.93 -12.49
N ALA A 202 36.51 -20.77 -12.85
CA ALA A 202 36.75 -20.42 -14.25
C ALA A 202 37.66 -21.41 -14.97
N ARG A 203 38.46 -22.11 -14.20
CA ARG A 203 39.38 -23.10 -14.76
C ARG A 203 38.84 -24.52 -14.57
N GLY A 204 37.74 -24.61 -13.83
CA GLY A 204 37.14 -25.89 -13.56
C GLY A 204 37.58 -26.35 -12.20
N GLU A 205 38.47 -25.57 -11.59
CA GLU A 205 39.01 -25.87 -10.27
C GLU A 205 37.93 -25.79 -9.20
N ARG A 206 38.28 -26.15 -7.96
CA ARG A 206 37.32 -26.10 -6.87
C ARG A 206 37.34 -24.75 -6.18
N ILE A 207 36.18 -24.21 -5.91
CA ILE A 207 36.09 -22.93 -5.23
C ILE A 207 35.10 -23.02 -4.07
N LEU A 208 35.29 -22.18 -3.05
CA LEU A 208 34.38 -22.15 -1.93
C LEU A 208 33.63 -20.87 -2.14
N THR A 209 32.32 -20.90 -1.95
CA THR A 209 31.54 -19.71 -2.15
C THR A 209 30.28 -19.66 -1.27
N LEU A 210 29.63 -18.51 -1.27
CA LEU A 210 28.41 -18.33 -0.49
C LEU A 210 27.31 -19.14 -1.12
N PRO A 211 26.56 -19.90 -0.30
CA PRO A 211 25.48 -20.69 -0.89
C PRO A 211 24.50 -19.73 -1.58
N ARG A 212 23.90 -20.16 -2.68
CA ARG A 212 23.00 -19.32 -3.44
C ARG A 212 21.58 -19.80 -3.53
N GLY A 213 20.71 -18.92 -4.02
CA GLY A 213 19.31 -19.25 -4.18
C GLY A 213 18.70 -18.51 -5.35
N PHE A 214 17.67 -19.12 -5.94
CA PHE A 214 16.98 -18.49 -7.04
C PHE A 214 15.95 -17.55 -6.42
N TYR A 215 15.89 -16.31 -6.89
CA TYR A 215 14.97 -15.33 -6.34
C TYR A 215 14.21 -14.67 -7.48
N LEU A 216 13.06 -14.08 -7.16
CA LEU A 216 12.29 -13.35 -8.17
C LEU A 216 12.46 -11.88 -7.82
N LYS A 217 12.76 -11.07 -8.82
CA LYS A 217 12.92 -9.64 -8.59
C LYS A 217 11.70 -9.04 -7.92
N LYS A 218 11.92 -7.93 -7.23
CA LYS A 218 10.86 -7.22 -6.53
C LYS A 218 9.83 -6.66 -7.52
N ASN A 219 10.32 -6.02 -8.57
CA ASN A 219 9.44 -5.42 -9.56
C ASN A 219 8.57 -6.47 -10.26
N PHE A 220 8.97 -7.74 -10.21
CA PHE A 220 8.20 -8.81 -10.83
C PHE A 220 7.02 -9.22 -9.96
N THR A 221 7.28 -9.44 -8.68
CA THR A 221 6.21 -9.82 -7.76
C THR A 221 5.35 -8.60 -7.55
N SER A 222 5.96 -7.43 -7.76
CA SER A 222 5.27 -6.18 -7.57
C SER A 222 4.23 -5.96 -8.65
N ALA A 223 4.62 -6.20 -9.89
CA ALA A 223 3.72 -6.01 -11.03
C ALA A 223 2.57 -7.00 -10.99
N LEU A 224 2.86 -8.24 -10.61
CA LEU A 224 1.83 -9.27 -10.58
C LEU A 224 0.73 -9.10 -9.51
N LEU A 225 1.07 -8.48 -8.39
CA LEU A 225 0.11 -8.27 -7.32
C LEU A 225 -0.74 -7.06 -7.64
N ALA A 226 -0.16 -6.14 -8.42
CA ALA A 226 -0.82 -4.90 -8.76
C ALA A 226 -1.73 -4.94 -10.00
N ARG A 227 -1.55 -5.95 -10.84
CA ARG A 227 -2.31 -6.07 -12.08
C ARG A 227 -3.81 -5.78 -12.08
N HIS A 228 -4.59 -6.58 -11.36
CA HIS A 228 -6.05 -6.44 -11.34
C HIS A 228 -6.63 -5.08 -10.99
N PHE A 229 -5.80 -4.19 -10.48
CA PHE A 229 -6.25 -2.85 -10.10
C PHE A 229 -6.41 -1.91 -11.29
N LEU A 230 -5.52 -2.03 -12.26
CA LEU A 230 -5.53 -1.17 -13.44
C LEU A 230 -6.65 -1.37 -14.45
N ILE A 231 -7.13 -0.24 -14.97
CA ILE A 231 -8.21 -0.19 -15.94
C ILE A 231 -7.68 0.52 -17.19
N GLN A 232 -8.48 1.42 -17.76
CA GLN A 232 -8.10 2.20 -18.94
C GLN A 232 -9.28 3.01 -19.49
N GLN B 6 3.41 8.54 -22.76
CA GLN B 6 3.14 9.10 -21.40
C GLN B 6 1.76 9.73 -21.33
N PRO B 7 1.29 10.02 -20.11
CA PRO B 7 -0.04 10.63 -19.97
C PRO B 7 -0.04 12.06 -20.48
N ARG B 8 -1.25 12.61 -20.65
CA ARG B 8 -1.44 13.96 -21.14
C ARG B 8 -2.50 14.66 -20.29
N PRO B 9 -2.24 15.93 -19.91
CA PRO B 9 -3.22 16.66 -19.10
C PRO B 9 -4.57 16.73 -19.80
N LEU B 10 -5.62 16.37 -19.08
CA LEU B 10 -6.96 16.38 -19.64
C LEU B 10 -7.36 17.74 -20.20
N LEU B 11 -7.97 17.73 -21.38
CA LEU B 11 -8.44 18.95 -22.04
C LEU B 11 -9.45 19.61 -21.09
N SER B 12 -10.42 18.82 -20.65
CA SER B 12 -11.46 19.27 -19.74
C SER B 12 -11.65 18.20 -18.66
N PRO B 13 -12.41 18.50 -17.61
CA PRO B 13 -12.64 17.52 -16.54
C PRO B 13 -13.30 16.25 -17.06
N PRO B 14 -13.04 15.11 -16.40
CA PRO B 14 -13.64 13.85 -16.85
C PRO B 14 -15.16 13.89 -16.73
N GLU B 15 -15.84 13.25 -17.68
CA GLU B 15 -17.28 13.22 -17.69
C GLU B 15 -17.77 12.21 -16.65
N THR B 16 -16.90 11.27 -16.30
CA THR B 16 -17.22 10.22 -15.32
C THR B 16 -16.02 9.90 -14.45
N GLU B 17 -16.28 9.63 -13.17
CA GLU B 17 -15.21 9.31 -12.22
C GLU B 17 -14.45 8.04 -12.63
N GLU B 18 -14.99 7.34 -13.63
CA GLU B 18 -14.34 6.14 -14.13
C GLU B 18 -13.23 6.61 -15.07
N GLN B 19 -13.44 7.78 -15.66
CA GLN B 19 -12.45 8.37 -16.56
C GLN B 19 -11.44 9.13 -15.71
N LEU B 20 -11.95 9.83 -14.70
CA LEU B 20 -11.11 10.60 -13.78
C LEU B 20 -10.09 9.69 -13.13
N LEU B 21 -10.56 8.56 -12.63
CA LEU B 21 -9.69 7.58 -12.00
C LEU B 21 -8.68 7.02 -13.01
N ALA B 22 -9.15 6.71 -14.22
CA ALA B 22 -8.28 6.19 -15.27
C ALA B 22 -7.13 7.16 -15.48
N GLN B 23 -7.43 8.44 -15.53
CA GLN B 23 -6.41 9.48 -15.70
C GLN B 23 -5.51 9.51 -14.49
N ALA B 24 -6.12 9.46 -13.30
CA ALA B 24 -5.37 9.47 -12.05
C ALA B 24 -4.41 8.28 -11.97
N GLN B 25 -4.76 7.19 -12.64
CA GLN B 25 -3.94 5.98 -12.66
C GLN B 25 -2.79 6.06 -13.65
N GLN B 26 -2.88 7.01 -14.58
CA GLN B 26 -1.86 7.20 -15.60
C GLN B 26 -0.69 8.04 -15.10
N LEU B 27 -0.87 8.68 -13.95
CA LEU B 27 0.18 9.51 -13.39
C LEU B 27 1.03 8.65 -12.49
N SER B 28 0.46 7.51 -12.12
CA SER B 28 1.13 6.55 -11.25
C SER B 28 2.59 6.34 -11.61
N GLY B 29 3.44 6.26 -10.59
CA GLY B 29 4.85 6.02 -10.82
C GLY B 29 5.68 7.21 -11.28
N TYR B 30 5.05 8.28 -11.71
CA TYR B 30 5.78 9.44 -12.17
C TYR B 30 6.25 10.32 -11.02
N THR B 31 7.33 11.05 -11.26
CA THR B 31 7.84 11.94 -10.22
C THR B 31 7.14 13.26 -10.49
N LEU B 32 7.04 14.11 -9.47
CA LEU B 32 6.38 15.40 -9.62
C LEU B 32 7.13 16.28 -10.60
N GLY B 33 8.45 16.12 -10.63
CA GLY B 33 9.30 16.92 -11.49
C GLY B 33 9.01 16.78 -12.98
N GLU B 34 8.72 15.55 -13.41
CA GLU B 34 8.42 15.29 -14.82
C GLU B 34 7.02 15.76 -15.19
N LEU B 35 6.06 15.53 -14.31
CA LEU B 35 4.69 15.94 -14.57
C LEU B 35 4.64 17.46 -14.62
N ALA B 36 5.36 18.09 -13.71
CA ALA B 36 5.43 19.54 -13.66
C ALA B 36 6.01 20.01 -14.99
N ALA B 37 7.22 19.53 -15.30
CA ALA B 37 7.90 19.89 -16.53
C ALA B 37 7.06 19.69 -17.80
N LEU B 38 6.20 18.69 -17.80
CA LEU B 38 5.36 18.41 -18.96
C LEU B 38 4.19 19.38 -19.16
N VAL B 39 3.96 20.24 -18.17
CA VAL B 39 2.88 21.22 -18.29
C VAL B 39 3.45 22.63 -18.27
N GLY B 40 4.78 22.73 -18.13
CA GLY B 40 5.44 24.02 -18.13
C GLY B 40 5.79 24.57 -16.76
N LEU B 41 5.49 23.81 -15.72
CA LEU B 41 5.77 24.26 -14.37
C LEU B 41 7.19 23.92 -13.94
N VAL B 42 7.70 24.73 -13.02
CA VAL B 42 9.03 24.53 -12.48
C VAL B 42 8.83 24.06 -11.04
N THR B 43 9.48 22.96 -10.68
CA THR B 43 9.36 22.41 -9.34
C THR B 43 10.21 23.20 -8.34
N PRO B 44 9.59 23.76 -7.28
CA PRO B 44 10.43 24.50 -6.33
C PRO B 44 11.30 23.50 -5.58
N GLU B 45 12.22 24.00 -4.75
CA GLU B 45 13.09 23.09 -4.02
C GLU B 45 12.27 22.38 -2.96
N ASN B 46 11.23 23.04 -2.47
CA ASN B 46 10.38 22.45 -1.46
C ASN B 46 8.99 23.09 -1.47
N LEU B 47 8.17 22.72 -0.49
CA LEU B 47 6.80 23.24 -0.40
C LEU B 47 6.60 24.27 0.71
N LYS B 48 7.64 25.02 1.07
CA LYS B 48 7.50 26.03 2.13
C LYS B 48 6.78 27.29 1.63
N ARG B 49 7.01 27.63 0.37
CA ARG B 49 6.35 28.79 -0.22
C ARG B 49 4.97 28.31 -0.66
N ASP B 50 4.93 27.57 -1.76
CA ASP B 50 3.67 27.03 -2.26
C ASP B 50 3.48 25.73 -1.50
N LYS B 51 2.58 25.74 -0.52
CA LYS B 51 2.33 24.55 0.27
C LYS B 51 1.36 23.59 -0.44
N GLY B 52 0.48 24.16 -1.28
CA GLY B 52 -0.49 23.37 -2.01
C GLY B 52 -0.08 23.10 -3.45
N TRP B 53 1.22 23.22 -3.70
CA TRP B 53 1.78 23.00 -5.02
C TRP B 53 1.47 21.64 -5.64
N ILE B 54 1.56 20.58 -4.84
CA ILE B 54 1.29 19.23 -5.34
C ILE B 54 -0.17 19.05 -5.76
N GLY B 55 -1.09 19.53 -4.93
CA GLY B 55 -2.50 19.41 -5.28
C GLY B 55 -2.81 20.13 -6.57
N VAL B 56 -2.38 21.38 -6.65
CA VAL B 56 -2.61 22.19 -7.83
C VAL B 56 -2.04 21.47 -9.03
N LEU B 57 -0.88 20.85 -8.84
CA LEU B 57 -0.21 20.12 -9.92
C LEU B 57 -1.03 18.96 -10.49
N LEU B 58 -1.79 18.29 -9.62
CA LEU B 58 -2.62 17.17 -10.06
C LEU B 58 -3.99 17.66 -10.54
N GLU B 59 -4.35 18.87 -10.14
CA GLU B 59 -5.61 19.46 -10.56
C GLU B 59 -5.46 19.78 -12.04
N ILE B 60 -4.23 20.08 -12.44
CA ILE B 60 -3.96 20.40 -13.83
C ILE B 60 -4.06 19.15 -14.69
N TRP B 61 -3.51 18.05 -14.20
CA TRP B 61 -3.55 16.81 -14.97
C TRP B 61 -4.92 16.17 -15.03
N LEU B 62 -5.80 16.54 -14.12
CA LEU B 62 -7.13 15.96 -14.09
C LEU B 62 -8.20 16.87 -14.70
N GLY B 63 -7.75 17.86 -15.47
CA GLY B 63 -8.70 18.75 -16.13
C GLY B 63 -9.05 20.12 -15.57
N ALA B 64 -8.32 20.61 -14.57
CA ALA B 64 -8.65 21.91 -14.01
C ALA B 64 -8.23 23.02 -14.96
N SER B 65 -9.00 24.10 -14.94
CA SER B 65 -8.73 25.25 -15.79
C SER B 65 -8.60 26.52 -14.95
N ALA B 66 -8.16 27.61 -15.57
CA ALA B 66 -8.05 28.87 -14.85
C ALA B 66 -9.45 29.32 -14.47
N GLY B 67 -9.55 29.99 -13.33
CA GLY B 67 -10.83 30.46 -12.86
C GLY B 67 -10.93 30.31 -11.35
N SER B 68 -11.86 31.04 -10.76
CA SER B 68 -12.07 30.98 -9.32
C SER B 68 -12.49 29.56 -8.95
N LYS B 69 -11.60 28.87 -8.26
CA LYS B 69 -11.84 27.50 -7.84
C LYS B 69 -11.51 27.38 -6.35
N PRO B 70 -12.41 27.86 -5.48
CA PRO B 70 -12.19 27.81 -4.03
C PRO B 70 -11.97 26.40 -3.47
N GLU B 71 -12.73 25.44 -4.01
CA GLU B 71 -12.64 24.04 -3.57
C GLU B 71 -11.81 23.17 -4.49
N GLN B 72 -10.98 22.31 -3.89
CA GLN B 72 -10.10 21.42 -4.63
C GLN B 72 -10.83 20.11 -4.97
N ASP B 73 -11.77 20.18 -5.91
CA ASP B 73 -12.56 19.03 -6.33
C ASP B 73 -13.15 19.23 -7.73
N PHE B 74 -13.85 18.21 -8.22
CA PHE B 74 -14.50 18.25 -9.52
C PHE B 74 -15.99 18.37 -9.23
N ALA B 75 -16.46 19.60 -9.08
CA ALA B 75 -17.86 19.86 -8.76
C ALA B 75 -18.84 18.90 -9.44
N ALA B 76 -19.00 19.03 -10.75
CA ALA B 76 -19.93 18.18 -11.51
C ALA B 76 -19.85 16.70 -11.12
N LEU B 77 -18.65 16.13 -11.19
CA LEU B 77 -18.44 14.72 -10.87
C LEU B 77 -18.93 14.41 -9.44
N GLY B 78 -18.74 15.36 -8.54
CA GLY B 78 -19.16 15.16 -7.16
C GLY B 78 -18.03 14.58 -6.31
N VAL B 79 -16.83 14.54 -6.87
CA VAL B 79 -15.68 14.01 -6.16
C VAL B 79 -14.71 15.07 -5.65
N GLU B 80 -14.18 14.83 -4.44
CA GLU B 80 -13.22 15.72 -3.81
C GLU B 80 -11.82 15.20 -4.09
N LEU B 81 -10.90 16.09 -4.44
CA LEU B 81 -9.54 15.64 -4.69
C LEU B 81 -8.72 15.82 -3.44
N LYS B 82 -8.14 14.73 -2.96
CA LYS B 82 -7.32 14.79 -1.78
C LYS B 82 -6.08 13.96 -1.98
N THR B 83 -4.95 14.66 -2.10
CA THR B 83 -3.69 13.97 -2.25
C THR B 83 -3.20 13.79 -0.83
N ILE B 84 -2.45 12.72 -0.60
CA ILE B 84 -1.97 12.46 0.73
C ILE B 84 -0.51 11.99 0.70
N PRO B 85 0.37 12.67 1.44
CA PRO B 85 1.80 12.31 1.50
C PRO B 85 1.98 11.05 2.34
N VAL B 86 2.49 9.99 1.71
CA VAL B 86 2.71 8.70 2.39
C VAL B 86 4.21 8.40 2.52
N ASP B 87 4.60 7.62 3.53
CA ASP B 87 6.02 7.30 3.69
C ASP B 87 6.41 6.10 2.80
N SER B 88 7.66 5.66 2.91
CA SER B 88 8.14 4.56 2.08
C SER B 88 7.25 3.32 2.16
N LEU B 89 6.51 3.17 3.25
CA LEU B 89 5.64 2.02 3.42
C LEU B 89 4.16 2.29 3.16
N GLY B 90 3.90 3.40 2.47
CA GLY B 90 2.54 3.78 2.11
C GLY B 90 1.69 4.28 3.26
N ARG B 91 2.32 4.77 4.31
CA ARG B 91 1.56 5.26 5.45
C ARG B 91 1.48 6.78 5.49
N PRO B 92 0.30 7.31 5.79
CA PRO B 92 0.08 8.76 5.88
C PRO B 92 1.10 9.45 6.78
N LEU B 93 1.68 10.53 6.28
CA LEU B 93 2.66 11.28 7.05
C LEU B 93 2.00 12.31 7.96
N GLU B 94 0.97 12.97 7.47
CA GLU B 94 0.26 13.97 8.28
C GLU B 94 -1.24 13.74 8.30
N THR B 95 -1.95 14.66 8.92
CA THR B 95 -3.40 14.59 8.98
C THR B 95 -3.84 15.15 7.63
N THR B 96 -5.11 15.00 7.33
CA THR B 96 -5.66 15.49 6.07
C THR B 96 -6.70 16.56 6.35
N PHE B 97 -6.48 17.73 5.79
CA PHE B 97 -7.40 18.84 5.97
C PHE B 97 -8.70 18.54 5.23
N VAL B 98 -9.83 18.52 5.93
CA VAL B 98 -11.11 18.26 5.28
C VAL B 98 -11.72 19.59 4.85
N CYS B 99 -11.95 20.48 5.82
CA CYS B 99 -12.51 21.79 5.51
C CYS B 99 -12.53 22.67 6.75
N VAL B 100 -12.89 23.94 6.57
CA VAL B 100 -12.98 24.88 7.69
C VAL B 100 -14.13 24.52 8.63
N ALA B 101 -13.94 24.75 9.92
CA ALA B 101 -14.98 24.46 10.90
C ALA B 101 -15.66 25.77 11.28
N PRO B 102 -16.92 25.96 10.86
CA PRO B 102 -17.63 27.20 11.22
C PRO B 102 -17.90 27.27 12.72
N LEU B 103 -17.40 28.33 13.35
CA LEU B 103 -17.55 28.51 14.78
C LEU B 103 -18.82 29.28 15.19
N THR B 104 -19.60 29.72 14.22
CA THR B 104 -20.84 30.45 14.49
C THR B 104 -21.92 30.15 13.47
N GLY B 105 -21.52 30.03 12.21
CA GLY B 105 -22.46 29.75 11.12
C GLY B 105 -23.59 28.79 11.41
N ASN B 106 -23.41 27.53 11.03
CA ASN B 106 -24.43 26.50 11.25
C ASN B 106 -25.07 26.55 12.63
N SER B 107 -26.39 26.66 12.66
CA SER B 107 -27.13 26.71 13.91
C SER B 107 -28.36 25.83 13.82
N GLY B 108 -28.19 24.67 13.20
CA GLY B 108 -29.28 23.74 13.05
C GLY B 108 -28.75 22.53 12.30
N VAL B 109 -27.57 22.71 11.73
CA VAL B 109 -26.88 21.69 10.96
C VAL B 109 -26.64 20.41 11.77
N THR B 110 -26.85 19.27 11.11
CA THR B 110 -26.63 17.94 11.70
C THR B 110 -25.53 17.30 10.88
N TRP B 111 -25.20 16.06 11.22
CA TRP B 111 -24.17 15.34 10.49
C TRP B 111 -24.58 15.20 9.03
N GLU B 112 -25.76 14.62 8.82
CA GLU B 112 -26.27 14.38 7.47
C GLU B 112 -26.30 15.62 6.59
N THR B 113 -26.34 16.80 7.20
CA THR B 113 -26.38 18.05 6.43
C THR B 113 -25.18 18.97 6.65
N SER B 114 -24.06 18.40 7.07
CA SER B 114 -22.85 19.19 7.30
C SER B 114 -22.10 19.44 6.00
N HIS B 115 -21.18 20.40 6.05
CA HIS B 115 -20.36 20.75 4.90
C HIS B 115 -19.12 19.89 4.91
N VAL B 116 -18.90 19.20 6.02
CA VAL B 116 -17.74 18.31 6.14
C VAL B 116 -18.08 16.91 5.58
N ARG B 117 -19.23 16.36 5.95
CA ARG B 117 -19.65 15.05 5.46
C ARG B 117 -19.95 15.14 3.97
N HIS B 118 -20.48 16.30 3.59
CA HIS B 118 -20.81 16.58 2.20
C HIS B 118 -19.52 16.57 1.41
N LYS B 119 -18.42 16.86 2.10
CA LYS B 119 -17.09 16.87 1.48
C LYS B 119 -16.60 15.44 1.30
N LEU B 120 -16.69 14.65 2.37
CA LEU B 120 -16.23 13.27 2.34
C LEU B 120 -17.18 12.28 1.67
N LYS B 121 -18.23 12.79 1.03
CA LYS B 121 -19.20 11.94 0.34
C LYS B 121 -18.50 11.05 -0.70
N ARG B 122 -17.62 11.66 -1.46
CA ARG B 122 -16.86 10.94 -2.47
C ARG B 122 -15.50 11.64 -2.61
N VAL B 123 -14.44 10.89 -2.37
CA VAL B 123 -13.10 11.43 -2.46
C VAL B 123 -12.17 10.56 -3.31
N LEU B 124 -11.34 11.21 -4.12
CA LEU B 124 -10.36 10.54 -4.96
C LEU B 124 -9.01 10.77 -4.25
N TRP B 125 -8.51 9.74 -3.58
CA TRP B 125 -7.27 9.85 -2.84
C TRP B 125 -6.06 9.57 -3.70
N ILE B 126 -5.13 10.52 -3.76
CA ILE B 126 -3.93 10.32 -4.55
C ILE B 126 -2.71 10.42 -3.66
N PRO B 127 -2.16 9.27 -3.25
CA PRO B 127 -0.98 9.38 -2.40
C PRO B 127 0.23 9.76 -3.25
N VAL B 128 1.12 10.53 -2.66
CA VAL B 128 2.35 10.96 -3.31
C VAL B 128 3.45 10.71 -2.30
N GLU B 129 4.63 10.30 -2.76
CA GLU B 129 5.73 10.06 -1.86
C GLU B 129 5.98 11.37 -1.13
N GLY B 130 6.06 11.31 0.19
CA GLY B 130 6.27 12.52 0.95
C GLY B 130 7.39 12.46 1.98
N GLU B 131 8.29 11.49 1.84
CA GLU B 131 9.42 11.38 2.76
C GLU B 131 10.21 12.68 2.74
N ARG B 132 10.09 13.46 3.80
CA ARG B 132 10.76 14.76 3.94
C ARG B 132 12.17 14.71 3.35
N SER B 133 12.87 13.61 3.53
CA SER B 133 14.25 13.44 3.06
C SER B 133 14.50 13.28 1.56
N ILE B 134 13.46 13.18 0.75
CA ILE B 134 13.65 13.02 -0.70
C ILE B 134 13.23 14.27 -1.48
N PRO B 135 14.12 14.75 -2.39
CA PRO B 135 13.87 15.95 -3.21
C PRO B 135 12.50 16.00 -3.85
N LEU B 136 11.73 17.01 -3.49
CA LEU B 136 10.37 17.21 -3.98
C LEU B 136 10.13 16.80 -5.43
N ALA B 137 10.98 17.25 -6.35
CA ALA B 137 10.81 16.93 -7.76
C ALA B 137 10.95 15.44 -8.10
N GLN B 138 11.45 14.68 -7.13
CA GLN B 138 11.68 13.24 -7.32
C GLN B 138 10.72 12.31 -6.58
N ARG B 139 9.70 12.89 -5.94
CA ARG B 139 8.70 12.12 -5.21
C ARG B 139 7.73 11.56 -6.26
N ARG B 140 7.35 10.29 -6.12
CA ARG B 140 6.46 9.63 -7.06
C ARG B 140 4.97 9.62 -6.73
N VAL B 141 4.14 9.76 -7.75
CA VAL B 141 2.70 9.75 -7.59
C VAL B 141 2.27 8.30 -7.42
N GLY B 142 1.40 8.05 -6.46
CA GLY B 142 0.96 6.69 -6.20
C GLY B 142 -0.34 6.21 -6.82
N SER B 143 -0.75 5.02 -6.41
CA SER B 143 -1.97 4.40 -6.90
C SER B 143 -3.18 5.06 -6.26
N PRO B 144 -4.00 5.77 -7.07
CA PRO B 144 -5.20 6.45 -6.56
C PRO B 144 -6.34 5.48 -6.27
N LEU B 145 -7.40 5.99 -5.68
CA LEU B 145 -8.54 5.14 -5.37
C LEU B 145 -9.73 6.00 -5.06
N LEU B 146 -10.91 5.58 -5.51
CA LEU B 146 -12.13 6.32 -5.24
C LEU B 146 -12.68 5.79 -3.93
N TRP B 147 -13.17 6.69 -3.09
CA TRP B 147 -13.64 6.28 -1.77
C TRP B 147 -14.87 7.04 -1.28
N SER B 148 -15.67 6.38 -0.46
CA SER B 148 -16.85 6.97 0.16
C SER B 148 -16.81 6.29 1.51
N PRO B 149 -17.20 7.00 2.58
CA PRO B 149 -17.15 6.31 3.88
C PRO B 149 -18.13 5.14 3.96
N ASN B 150 -17.65 3.98 4.38
CA ASN B 150 -18.53 2.82 4.51
C ASN B 150 -19.46 3.07 5.69
N GLU B 151 -20.24 2.05 6.06
CA GLU B 151 -21.18 2.17 7.17
C GLU B 151 -20.45 2.54 8.46
N GLU B 152 -19.51 1.69 8.85
CA GLU B 152 -18.74 1.87 10.08
C GLU B 152 -17.93 3.16 10.11
N GLU B 153 -17.45 3.60 8.95
CA GLU B 153 -16.65 4.81 8.85
C GLU B 153 -17.52 6.04 9.05
N ASP B 154 -18.74 6.02 8.52
CA ASP B 154 -19.67 7.14 8.66
C ASP B 154 -20.06 7.40 10.11
N ARG B 155 -20.40 6.35 10.85
CA ARG B 155 -20.77 6.53 12.25
C ARG B 155 -19.56 7.05 13.03
N GLN B 156 -18.37 6.59 12.67
CA GLN B 156 -17.13 7.01 13.33
C GLN B 156 -16.93 8.52 13.30
N LEU B 157 -17.10 9.10 12.12
CA LEU B 157 -16.94 10.54 11.93
C LEU B 157 -18.16 11.32 12.43
N ARG B 158 -19.34 10.72 12.31
CA ARG B 158 -20.58 11.37 12.76
C ARG B 158 -20.53 11.58 14.26
N GLU B 159 -19.85 10.67 14.96
CA GLU B 159 -19.73 10.73 16.41
C GLU B 159 -18.68 11.73 16.88
N ASP B 160 -17.59 11.87 16.13
CA ASP B 160 -16.53 12.81 16.48
C ASP B 160 -17.01 14.23 16.24
N TRP B 161 -17.57 14.44 15.05
CA TRP B 161 -18.08 15.73 14.63
C TRP B 161 -19.18 16.29 15.55
N GLU B 162 -19.95 15.39 16.17
CA GLU B 162 -21.03 15.78 17.08
C GLU B 162 -20.44 16.23 18.42
N GLU B 163 -19.47 15.47 18.92
CA GLU B 163 -18.82 15.78 20.18
C GLU B 163 -18.04 17.08 20.07
N LEU B 164 -17.40 17.27 18.92
CA LEU B 164 -16.61 18.45 18.64
C LEU B 164 -17.52 19.67 18.47
N MET B 165 -18.56 19.51 17.65
CA MET B 165 -19.53 20.60 17.43
C MET B 165 -20.31 20.85 18.73
N ASP B 166 -20.44 19.82 19.56
CA ASP B 166 -21.13 19.94 20.84
C ASP B 166 -20.30 20.84 21.74
N MET B 167 -18.97 20.68 21.65
CA MET B 167 -18.03 21.47 22.43
C MET B 167 -18.09 22.94 21.99
N ILE B 168 -18.03 23.14 20.68
CA ILE B 168 -18.09 24.47 20.08
C ILE B 168 -19.31 25.20 20.62
N VAL B 169 -20.46 24.52 20.51
CA VAL B 169 -21.74 25.07 20.96
C VAL B 169 -21.70 25.56 22.41
N LEU B 170 -21.19 24.72 23.31
CA LEU B 170 -21.11 25.08 24.73
C LEU B 170 -20.18 26.26 24.99
N GLY B 171 -19.57 26.78 23.94
CA GLY B 171 -18.67 27.91 24.11
C GLY B 171 -17.31 27.45 24.57
N GLN B 172 -17.13 26.14 24.60
CA GLN B 172 -15.87 25.54 24.99
C GLN B 172 -15.14 25.08 23.75
N VAL B 173 -14.81 26.04 22.89
CA VAL B 173 -14.11 25.75 21.64
C VAL B 173 -12.59 25.84 21.80
N GLU B 174 -12.13 26.64 22.75
CA GLU B 174 -10.70 26.78 23.00
C GLU B 174 -10.26 25.61 23.87
N ARG B 175 -11.25 24.83 24.30
CA ARG B 175 -11.02 23.66 25.13
C ARG B 175 -10.86 22.42 24.26
N ILE B 176 -10.84 22.62 22.94
CA ILE B 176 -10.66 21.52 22.01
C ILE B 176 -9.17 21.29 21.80
N THR B 177 -8.75 20.03 21.81
CA THR B 177 -7.34 19.70 21.61
C THR B 177 -7.13 18.65 20.53
N ALA B 178 -5.87 18.46 20.14
CA ALA B 178 -5.50 17.49 19.10
C ALA B 178 -5.92 16.08 19.45
N ARG B 179 -6.29 15.85 20.71
CA ARG B 179 -6.71 14.53 21.14
C ARG B 179 -8.18 14.32 20.84
N HIS B 180 -9.00 15.31 21.17
CA HIS B 180 -10.44 15.24 20.93
C HIS B 180 -10.76 14.60 19.57
N GLY B 181 -11.80 13.77 19.55
CA GLY B 181 -12.17 13.07 18.34
C GLY B 181 -11.30 11.84 18.14
N GLU B 182 -11.89 10.77 17.63
CA GLU B 182 -11.13 9.53 17.41
C GLU B 182 -10.54 9.45 16.00
N TYR B 183 -11.30 9.91 15.01
CA TYR B 183 -10.85 9.87 13.62
C TYR B 183 -10.91 11.26 13.00
N LEU B 184 -11.72 12.14 13.61
CA LEU B 184 -11.88 13.51 13.13
C LEU B 184 -11.47 14.45 14.26
N GLN B 185 -10.80 15.54 13.90
CA GLN B 185 -10.34 16.50 14.89
C GLN B 185 -10.40 17.93 14.38
N ILE B 186 -10.46 18.87 15.32
CA ILE B 186 -10.47 20.29 15.00
C ILE B 186 -9.13 20.80 15.47
N ARG B 187 -8.44 21.50 14.57
CA ARG B 187 -7.12 22.04 14.86
C ARG B 187 -7.02 23.41 14.19
N PRO B 188 -6.32 24.36 14.82
CA PRO B 188 -6.23 25.66 14.15
C PRO B 188 -5.60 25.46 12.79
N LYS B 189 -6.35 25.83 11.75
CA LYS B 189 -5.91 25.70 10.37
C LYS B 189 -4.87 26.80 10.09
N ALA B 190 -3.86 26.45 9.30
CA ALA B 190 -2.79 27.38 8.97
C ALA B 190 -3.30 28.50 8.08
N ALA B 191 -3.17 29.73 8.55
CA ALA B 191 -3.63 30.89 7.79
C ALA B 191 -2.68 32.08 7.95
N ASN B 192 -3.18 33.28 7.64
CA ASN B 192 -2.40 34.48 7.79
C ASN B 192 -2.36 34.68 9.30
N ALA B 193 -1.22 35.10 9.82
CA ALA B 193 -1.08 35.30 11.27
C ALA B 193 -2.10 36.29 11.82
N LYS B 194 -2.59 37.17 10.94
CA LYS B 194 -3.54 38.18 11.34
C LYS B 194 -5.00 37.76 11.15
N ALA B 195 -5.22 36.63 10.48
CA ALA B 195 -6.57 36.13 10.23
C ALA B 195 -7.22 35.60 11.50
N LEU B 196 -8.37 36.18 11.85
CA LEU B 196 -9.10 35.78 13.05
C LEU B 196 -10.59 35.65 12.74
N THR B 197 -11.23 34.68 13.39
CA THR B 197 -12.66 34.45 13.22
C THR B 197 -13.40 34.55 14.54
N GLU B 198 -14.70 34.82 14.46
CA GLU B 198 -15.56 34.96 15.62
C GLU B 198 -16.08 33.61 16.09
N ALA B 199 -16.42 33.53 17.38
CA ALA B 199 -16.96 32.33 17.99
C ALA B 199 -17.66 32.64 19.32
N ILE B 200 -17.91 31.59 20.11
CA ILE B 200 -18.57 31.70 21.42
C ILE B 200 -17.63 31.32 22.57
N GLY B 201 -17.66 32.11 23.64
CA GLY B 201 -16.82 31.83 24.78
C GLY B 201 -17.54 30.98 25.81
N ALA B 202 -16.89 30.72 26.93
CA ALA B 202 -17.47 29.90 27.99
C ALA B 202 -18.86 30.36 28.44
N ARG B 203 -19.03 31.68 28.58
CA ARG B 203 -20.31 32.24 29.03
C ARG B 203 -21.18 32.81 27.91
N GLY B 204 -21.16 32.17 26.75
CA GLY B 204 -21.95 32.67 25.64
C GLY B 204 -21.46 34.02 25.16
N GLU B 205 -20.41 34.52 25.81
CA GLU B 205 -19.82 35.80 25.47
C GLU B 205 -19.19 35.69 24.08
N ARG B 206 -18.96 36.83 23.44
CA ARG B 206 -18.37 36.84 22.10
C ARG B 206 -16.86 37.01 22.18
N ILE B 207 -16.13 36.21 21.40
CA ILE B 207 -14.68 36.27 21.40
C ILE B 207 -14.10 36.02 20.02
N LEU B 208 -12.83 36.36 19.85
CA LEU B 208 -12.15 36.16 18.58
C LEU B 208 -11.16 35.01 18.77
N THR B 209 -10.79 34.35 17.67
CA THR B 209 -9.85 33.24 17.80
C THR B 209 -9.22 32.83 16.46
N LEU B 210 -8.23 31.94 16.53
CA LEU B 210 -7.57 31.47 15.32
C LEU B 210 -8.55 30.62 14.50
N PRO B 211 -8.48 30.71 13.16
CA PRO B 211 -9.39 29.90 12.36
C PRO B 211 -9.10 28.41 12.53
N ARG B 212 -10.15 27.60 12.69
CA ARG B 212 -9.97 26.16 12.87
C ARG B 212 -10.35 25.35 11.63
N GLY B 213 -9.86 24.11 11.61
CA GLY B 213 -10.14 23.25 10.49
C GLY B 213 -10.44 21.84 10.96
N PHE B 214 -11.10 21.08 10.11
CA PHE B 214 -11.44 19.70 10.39
C PHE B 214 -10.35 18.88 9.72
N TYR B 215 -9.76 17.95 10.46
CA TYR B 215 -8.70 17.09 9.90
C TYR B 215 -8.97 15.60 10.15
N LEU B 216 -8.74 14.77 9.15
CA LEU B 216 -8.93 13.32 9.30
C LEU B 216 -7.62 12.78 9.87
N LYS B 217 -7.65 12.31 11.10
CA LYS B 217 -6.46 11.77 11.74
C LYS B 217 -5.82 10.69 10.86
N LYS B 218 -4.53 10.44 11.09
CA LYS B 218 -3.77 9.44 10.35
C LYS B 218 -4.35 8.03 10.46
N ASN B 219 -4.87 7.67 11.63
CA ASN B 219 -5.43 6.35 11.83
C ASN B 219 -6.58 6.11 10.86
N PHE B 220 -7.34 7.17 10.59
CA PHE B 220 -8.48 7.07 9.68
C PHE B 220 -8.07 6.80 8.25
N THR B 221 -7.12 7.59 7.77
CA THR B 221 -6.60 7.49 6.41
C THR B 221 -5.83 6.19 6.10
N SER B 222 -5.03 5.73 7.05
CA SER B 222 -4.28 4.49 6.88
C SER B 222 -5.27 3.33 6.64
N ALA B 223 -6.35 3.32 7.42
CA ALA B 223 -7.37 2.29 7.35
C ALA B 223 -8.06 2.16 6.00
N LEU B 224 -8.39 3.28 5.36
CA LEU B 224 -9.05 3.20 4.06
C LEU B 224 -8.07 2.90 2.95
N LEU B 225 -6.80 3.20 3.19
CA LEU B 225 -5.77 2.96 2.20
C LEU B 225 -5.36 1.50 2.30
N ALA B 226 -5.27 1.02 3.53
CA ALA B 226 -4.91 -0.36 3.78
C ALA B 226 -6.08 -1.24 3.33
N ARG B 227 -7.30 -0.79 3.63
CA ARG B 227 -8.49 -1.54 3.28
C ARG B 227 -8.65 -1.69 1.76
N HIS B 228 -8.17 -0.70 1.01
CA HIS B 228 -8.31 -0.76 -0.44
C HIS B 228 -7.21 -1.54 -1.13
N PHE B 229 -5.97 -1.25 -0.77
CA PHE B 229 -4.84 -1.91 -1.42
C PHE B 229 -4.28 -3.15 -0.73
N LEU B 230 -4.43 -3.25 0.59
CA LEU B 230 -3.92 -4.40 1.35
C LEU B 230 -4.92 -5.55 1.43
N ILE B 231 -6.00 -5.30 2.16
CA ILE B 231 -7.04 -6.29 2.36
C ILE B 231 -7.80 -6.54 1.05
N GLN B 232 -8.23 -5.47 0.39
CA GLN B 232 -8.98 -5.59 -0.86
C GLN B 232 -10.21 -6.46 -0.64
#